data_1W3Q
#
_entry.id   1W3Q
#
_cell.length_a   99.803
_cell.length_b   38.773
_cell.length_c   60.001
_cell.angle_alpha   90.00
_cell.angle_beta   114.05
_cell.angle_gamma   90.00
#
_symmetry.space_group_name_H-M   'C 1 2 1'
#
loop_
_entity.id
_entity.type
_entity.pdbx_description
1 polymer 'NIMA-RELATED PROTEIN'
2 non-polymer 'LACTIC ACID'
3 non-polymer 'ACETATE ION'
4 water water
#
_entity_poly.entity_id   1
_entity_poly.type   'polypeptide(L)'
_entity_poly.pdbx_seq_one_letter_code
;MSYYHHHHHHLESTSLYKKAGMSDFYDPRERDPSVSRRPQNRQSDEWIRELLLRGTIARVATLWQGEDGAAFPFITPLAY
AYRPEQGDLVYHTNVVGRLRANAGQGHPATLEVSEIGQFLPSNSPLELSVQYRSVMVFGTARVLAGEDARAALTTLSERV
FPGLKVGETTRPISEDDLKRTSVYSLSIDRWSGKENWAEQAIQEEDWPALGPEWLG
;
_entity_poly.pdbx_strand_id   A
#
loop_
_chem_comp.id
_chem_comp.type
_chem_comp.name
_chem_comp.formula
ACT non-polymer 'ACETATE ION' 'C2 H3 O2 -1'
LAC non-polymer 'LACTIC ACID' 'C3 H6 O3'
#
# COMPACT_ATOMS: atom_id res chain seq x y z
N SER A 2 -36.81 -6.71 -3.25
CA SER A 2 -37.25 -6.81 -4.69
C SER A 2 -38.78 -7.01 -4.83
N TYR A 3 -39.33 -6.71 -6.02
CA TYR A 3 -40.74 -6.97 -6.26
C TYR A 3 -41.10 -8.46 -6.03
N TYR A 4 -40.33 -9.38 -6.63
CA TYR A 4 -40.63 -10.80 -6.53
C TYR A 4 -40.84 -11.25 -5.07
N HIS A 5 -39.94 -10.79 -4.19
CA HIS A 5 -39.97 -11.09 -2.76
C HIS A 5 -41.12 -10.40 -2.03
N HIS A 6 -41.25 -9.09 -2.26
CA HIS A 6 -42.38 -8.34 -1.71
C HIS A 6 -43.74 -8.97 -2.09
N HIS A 7 -43.91 -9.31 -3.36
CA HIS A 7 -45.16 -9.92 -3.83
C HIS A 7 -45.41 -11.28 -3.14
N HIS A 8 -44.38 -12.13 -3.11
CA HIS A 8 -44.44 -13.45 -2.45
C HIS A 8 -44.84 -13.36 -0.98
N HIS A 9 -44.31 -12.36 -0.27
CA HIS A 9 -44.65 -12.14 1.14
C HIS A 9 -46.11 -11.74 1.31
N HIS A 10 -46.60 -10.88 0.40
CA HIS A 10 -47.97 -10.38 0.49
C HIS A 10 -49.00 -11.46 0.18
N LEU A 11 -48.63 -12.38 -0.71
CA LEU A 11 -49.48 -13.53 -1.04
C LEU A 11 -49.48 -14.55 0.11
N SER A 23 -32.89 -7.62 -14.17
CA SER A 23 -32.52 -7.64 -12.72
C SER A 23 -31.75 -6.37 -12.38
N ASP A 24 -31.78 -5.99 -11.11
CA ASP A 24 -30.97 -4.89 -10.62
C ASP A 24 -29.88 -4.45 -11.60
N PHE A 25 -29.04 -5.40 -12.03
CA PHE A 25 -27.77 -5.07 -12.72
C PHE A 25 -27.96 -4.12 -13.90
N TYR A 26 -29.01 -4.29 -14.70
CA TYR A 26 -29.19 -3.45 -15.90
C TYR A 26 -30.19 -2.31 -15.72
N ASP A 27 -30.68 -2.12 -14.49
CA ASP A 27 -31.70 -1.12 -14.19
C ASP A 27 -31.11 0.26 -13.85
N PRO A 28 -31.97 1.30 -13.83
CA PRO A 28 -31.49 2.66 -13.55
C PRO A 28 -30.63 2.77 -12.30
N ARG A 29 -29.58 3.56 -12.39
CA ARG A 29 -28.80 3.94 -11.23
C ARG A 29 -28.24 5.33 -11.53
N GLU A 30 -27.77 6.03 -10.50
CA GLU A 30 -27.08 7.30 -10.66
C GLU A 30 -25.59 7.06 -10.83
N ARG A 31 -24.97 7.79 -11.72
CA ARG A 31 -23.53 7.73 -11.83
C ARG A 31 -22.97 9.15 -11.91
N ASP A 32 -21.90 9.38 -11.15
CA ASP A 32 -21.11 10.59 -11.26
C ASP A 32 -20.20 10.43 -12.50
N PRO A 33 -20.36 11.29 -13.52
CA PRO A 33 -19.47 11.23 -14.67
C PRO A 33 -17.96 11.43 -14.32
N SER A 34 -17.65 12.08 -13.19
CA SER A 34 -16.24 12.35 -12.83
C SER A 34 -15.51 11.11 -12.31
N VAL A 35 -16.23 10.05 -11.98
CA VAL A 35 -15.60 8.88 -11.34
C VAL A 35 -14.96 7.92 -12.35
N SER A 36 -13.85 7.30 -11.91
CA SER A 36 -13.06 6.35 -12.70
C SER A 36 -13.93 5.27 -13.35
N ARG A 37 -13.74 5.09 -14.65
CA ARG A 37 -14.39 4.00 -15.39
C ARG A 37 -13.46 2.80 -15.51
N ARG A 38 -12.30 2.86 -14.85
CA ARG A 38 -11.34 1.78 -14.88
C ARG A 38 -11.92 0.57 -14.15
N PRO A 39 -11.73 -0.60 -14.74
CA PRO A 39 -12.25 -1.82 -14.14
C PRO A 39 -11.48 -2.25 -12.89
N GLN A 40 -12.07 -3.17 -12.14
CA GLN A 40 -11.43 -3.77 -10.97
C GLN A 40 -10.84 -2.71 -10.04
N ASN A 41 -11.61 -1.65 -9.79
CA ASN A 41 -11.25 -0.65 -8.81
C ASN A 41 -9.91 0.09 -9.11
N ARG A 42 -9.36 -0.07 -10.33
CA ARG A 42 -8.05 0.56 -10.67
C ARG A 42 -8.02 2.09 -10.72
N GLN A 43 -6.85 2.65 -10.42
CA GLN A 43 -6.66 4.09 -10.31
C GLN A 43 -5.55 4.56 -11.22
N SER A 44 -5.51 5.88 -11.42
CA SER A 44 -4.54 6.54 -12.31
C SER A 44 -3.17 6.67 -11.69
N ASP A 45 -2.17 6.85 -12.54
CA ASP A 45 -0.78 7.01 -12.11
C ASP A 45 -0.60 8.21 -11.22
N GLU A 46 -1.37 9.27 -11.47
CA GLU A 46 -1.35 10.46 -10.60
C GLU A 46 -1.95 10.17 -9.20
N TRP A 47 -2.99 9.34 -9.17
CA TRP A 47 -3.59 8.92 -7.90
C TRP A 47 -2.55 8.12 -7.13
N ILE A 48 -1.86 7.24 -7.83
CA ILE A 48 -0.82 6.40 -7.22
C ILE A 48 0.29 7.26 -6.61
N ARG A 49 0.80 8.22 -7.37
CA ARG A 49 1.82 9.17 -6.90
C ARG A 49 1.42 9.87 -5.60
N GLU A 50 0.19 10.36 -5.57
CA GLU A 50 -0.31 11.12 -4.45
C GLU A 50 -0.43 10.24 -3.20
N LEU A 51 -0.86 9.00 -3.38
CA LEU A 51 -0.99 8.12 -2.21
C LEU A 51 0.39 7.79 -1.65
N LEU A 52 1.36 7.58 -2.56
CA LEU A 52 2.73 7.28 -2.19
C LEU A 52 3.39 8.45 -1.50
N LEU A 53 3.04 9.67 -1.93
CA LEU A 53 3.57 10.87 -1.28
C LEU A 53 3.06 11.10 0.11
N ARG A 54 1.84 10.69 0.42
CA ARG A 54 1.30 11.00 1.75
C ARG A 54 1.45 9.84 2.74
N GLY A 55 1.80 8.66 2.26
CA GLY A 55 2.04 7.54 3.16
C GLY A 55 3.39 7.64 3.84
N THR A 56 3.56 6.93 4.95
CA THR A 56 4.82 6.86 5.64
C THR A 56 5.25 5.43 6.03
N ILE A 57 4.32 4.47 5.98
CA ILE A 57 4.60 3.06 6.28
C ILE A 57 4.31 2.21 5.04
N ALA A 58 5.23 1.31 4.73
CA ALA A 58 5.06 0.33 3.68
C ALA A 58 5.35 -1.06 4.18
N ARG A 59 4.92 -2.08 3.43
CA ARG A 59 5.54 -3.39 3.51
C ARG A 59 6.36 -3.68 2.28
N VAL A 60 7.52 -4.27 2.53
CA VAL A 60 8.39 -4.74 1.47
C VAL A 60 8.51 -6.23 1.54
N ALA A 61 8.29 -6.87 0.40
CA ALA A 61 8.49 -8.30 0.22
C ALA A 61 9.68 -8.55 -0.70
N THR A 62 10.63 -9.34 -0.21
CA THR A 62 11.80 -9.76 -1.00
C THR A 62 12.01 -11.24 -0.77
N LEU A 63 12.74 -11.86 -1.69
CA LEU A 63 12.86 -13.32 -1.70
C LEU A 63 14.18 -13.78 -1.11
N TRP A 64 14.07 -14.79 -0.27
CA TRP A 64 15.20 -15.41 0.38
C TRP A 64 15.15 -16.92 0.15
N GLN A 65 16.31 -17.53 0.26
CA GLN A 65 16.44 -18.94 -0.05
C GLN A 65 16.11 -19.68 1.21
N GLY A 66 15.24 -20.66 1.07
CA GLY A 66 14.78 -21.45 2.20
C GLY A 66 15.49 -22.78 2.30
N GLU A 67 15.15 -23.47 3.38
CA GLU A 67 15.74 -24.74 3.78
C GLU A 67 15.68 -25.78 2.69
N ASP A 68 14.61 -25.73 1.90
CA ASP A 68 14.40 -26.63 0.77
C ASP A 68 15.02 -26.16 -0.56
N GLY A 69 15.74 -25.04 -0.52
CA GLY A 69 16.33 -24.43 -1.73
C GLY A 69 15.33 -23.50 -2.44
N ALA A 70 14.08 -23.57 -2.04
CA ALA A 70 13.02 -22.80 -2.67
C ALA A 70 13.05 -21.36 -2.17
N ALA A 71 12.84 -20.43 -3.09
CA ALA A 71 12.67 -19.01 -2.75
C ALA A 71 11.36 -18.79 -2.01
N PHE A 72 11.39 -18.04 -0.92
CA PHE A 72 10.15 -17.63 -0.23
C PHE A 72 10.25 -16.16 0.20
N PRO A 73 9.09 -15.51 0.27
CA PRO A 73 9.04 -14.08 0.58
C PRO A 73 9.03 -13.75 2.06
N PHE A 74 9.87 -12.79 2.46
CA PHE A 74 9.69 -12.05 3.72
C PHE A 74 8.72 -10.89 3.51
N ILE A 75 8.04 -10.47 4.55
CA ILE A 75 7.28 -9.21 4.54
C ILE A 75 7.73 -8.35 5.72
N THR A 76 8.27 -7.17 5.41
CA THR A 76 8.69 -6.25 6.44
C THR A 76 8.02 -4.91 6.35
N PRO A 77 7.28 -4.56 7.39
CA PRO A 77 6.76 -3.21 7.57
C PRO A 77 7.86 -2.25 7.93
N LEU A 78 7.90 -1.12 7.25
CA LEU A 78 8.95 -0.15 7.54
C LEU A 78 8.56 1.25 7.08
N ALA A 79 9.23 2.25 7.66
CA ALA A 79 9.14 3.61 7.18
C ALA A 79 9.72 3.74 5.78
N TYR A 80 9.10 4.54 4.92
CA TYR A 80 9.63 4.74 3.59
C TYR A 80 9.40 6.21 3.18
N ALA A 81 10.11 6.62 2.14
CA ALA A 81 9.81 7.85 1.42
C ALA A 81 9.92 7.65 -0.09
N TYR A 82 8.92 8.14 -0.80
CA TYR A 82 8.93 8.20 -2.25
C TYR A 82 9.71 9.45 -2.73
N ARG A 83 10.66 9.27 -3.66
CA ARG A 83 11.43 10.39 -4.25
C ARG A 83 11.07 10.41 -5.73
N PRO A 84 10.07 11.19 -6.08
CA PRO A 84 9.52 11.11 -7.44
C PRO A 84 10.52 11.42 -8.57
N GLU A 85 11.39 12.39 -8.39
CA GLU A 85 12.37 12.72 -9.44
C GLU A 85 13.34 11.58 -9.73
N GLN A 86 13.88 10.98 -8.67
CA GLN A 86 14.78 9.83 -8.76
C GLN A 86 14.10 8.59 -9.25
N GLY A 87 12.79 8.51 -9.12
CA GLY A 87 12.07 7.30 -9.51
C GLY A 87 12.23 6.18 -8.51
N ASP A 88 12.36 6.52 -7.23
CA ASP A 88 12.57 5.47 -6.26
C ASP A 88 11.85 5.68 -4.95
N LEU A 89 11.90 4.65 -4.12
CA LEU A 89 11.49 4.75 -2.76
C LEU A 89 12.68 4.30 -1.91
N VAL A 90 12.89 5.00 -0.80
CA VAL A 90 14.00 4.70 0.10
C VAL A 90 13.51 4.24 1.44
N TYR A 91 14.27 3.36 2.03
CA TYR A 91 13.99 2.83 3.37
C TYR A 91 15.25 2.29 3.96
N HIS A 92 15.23 1.99 5.26
CA HIS A 92 16.35 1.33 5.90
C HIS A 92 15.84 0.14 6.75
N THR A 93 16.60 -0.94 6.74
CA THR A 93 16.26 -2.12 7.55
C THR A 93 17.44 -3.05 7.56
N ASN A 94 17.69 -3.60 8.74
CA ASN A 94 18.75 -4.57 8.94
C ASN A 94 18.21 -6.00 9.02
N VAL A 95 16.93 -6.18 8.72
CA VAL A 95 16.33 -7.50 8.53
C VAL A 95 16.95 -8.22 7.32
N VAL A 96 17.42 -9.44 7.56
CA VAL A 96 17.91 -10.30 6.51
C VAL A 96 17.51 -11.74 6.78
N GLY A 97 17.70 -12.55 5.75
CA GLY A 97 17.61 -14.00 5.87
C GLY A 97 19.04 -14.53 5.80
N ARG A 98 19.17 -15.73 5.26
CA ARG A 98 20.48 -16.34 5.01
C ARG A 98 21.05 -15.90 3.65
N LEU A 99 20.61 -16.48 2.53
CA LEU A 99 20.96 -15.95 1.17
C LEU A 99 19.74 -15.45 0.43
N ARG A 100 19.91 -14.35 -0.32
CA ARG A 100 18.80 -13.86 -1.13
C ARG A 100 18.57 -14.83 -2.28
N ALA A 101 17.33 -14.93 -2.72
CA ALA A 101 17.03 -15.80 -3.85
C ALA A 101 17.13 -14.99 -5.13
N ASN A 102 18.34 -14.53 -5.46
CA ASN A 102 18.56 -13.48 -6.46
C ASN A 102 20.00 -13.48 -6.91
N ALA A 103 20.22 -13.23 -8.19
CA ALA A 103 21.57 -12.95 -8.71
C ALA A 103 21.85 -11.43 -8.81
N GLY A 104 23.09 -11.04 -8.48
CA GLY A 104 23.57 -9.65 -8.67
C GLY A 104 23.59 -8.78 -7.41
N GLN A 105 23.84 -7.49 -7.63
CA GLN A 105 23.90 -6.48 -6.59
C GLN A 105 22.57 -5.83 -6.18
N GLY A 106 21.57 -5.84 -7.05
CA GLY A 106 20.21 -5.42 -6.68
C GLY A 106 19.34 -6.66 -6.51
N HIS A 107 18.19 -6.52 -5.88
CA HIS A 107 17.27 -7.62 -5.77
C HIS A 107 15.86 -7.14 -6.10
N PRO A 108 15.09 -7.98 -6.77
CA PRO A 108 13.70 -7.69 -7.03
C PRO A 108 12.94 -7.47 -5.73
N ALA A 109 12.07 -6.47 -5.70
CA ALA A 109 11.29 -6.16 -4.50
C ALA A 109 9.90 -5.67 -4.90
N THR A 110 8.94 -6.01 -4.05
CA THR A 110 7.57 -5.52 -4.15
C THR A 110 7.36 -4.71 -2.90
N LEU A 111 6.77 -3.53 -3.04
CA LEU A 111 6.48 -2.66 -1.95
C LEU A 111 5.01 -2.32 -2.05
N GLU A 112 4.33 -2.41 -0.91
CA GLU A 112 2.93 -2.09 -0.76
C GLU A 112 2.65 -0.95 0.26
N VAL A 113 1.86 0.01 -0.15
CA VAL A 113 1.36 1.09 0.72
C VAL A 113 -0.17 1.11 0.63
N SER A 114 -0.82 1.16 1.78
CA SER A 114 -2.25 1.25 1.80
C SER A 114 -2.79 2.21 2.84
N GLU A 115 -3.99 2.68 2.58
CA GLU A 115 -4.82 3.37 3.58
C GLU A 115 -6.00 2.44 3.84
N ILE A 116 -6.12 1.96 5.08
CA ILE A 116 -7.20 1.05 5.44
C ILE A 116 -8.19 1.84 6.29
N GLY A 117 -9.44 1.85 5.86
CA GLY A 117 -10.54 2.53 6.58
C GLY A 117 -11.33 1.56 7.44
N GLN A 118 -12.66 1.69 7.42
CA GLN A 118 -13.54 0.91 8.29
C GLN A 118 -14.07 -0.36 7.60
N PHE A 119 -14.36 -1.36 8.42
CA PHE A 119 -15.09 -2.52 7.95
C PHE A 119 -16.52 -2.07 7.72
N LEU A 120 -17.09 -2.57 6.64
CA LEU A 120 -18.40 -2.16 6.19
C LEU A 120 -19.36 -3.32 6.31
N PRO A 121 -20.25 -3.26 7.31
CA PRO A 121 -21.23 -4.33 7.55
C PRO A 121 -22.32 -4.38 6.49
N SER A 122 -22.90 -5.58 6.33
CA SER A 122 -24.01 -5.83 5.41
C SER A 122 -24.83 -6.98 5.93
N ASN A 123 -26.10 -7.04 5.50
CA ASN A 123 -26.98 -8.19 5.72
C ASN A 123 -26.81 -9.22 4.61
N SER A 124 -25.88 -8.94 3.69
CA SER A 124 -25.41 -9.92 2.69
C SER A 124 -23.97 -10.33 2.95
N PRO A 125 -23.73 -11.59 3.27
CA PRO A 125 -22.45 -11.99 3.80
C PRO A 125 -21.29 -11.78 2.83
N LEU A 126 -21.50 -11.98 1.55
CA LEU A 126 -20.36 -11.80 0.67
C LEU A 126 -20.15 -10.33 0.26
N GLU A 127 -20.98 -9.43 0.78
CA GLU A 127 -20.78 -7.97 0.63
C GLU A 127 -20.05 -7.37 1.83
N LEU A 128 -19.82 -8.15 2.86
CA LEU A 128 -18.94 -7.64 3.93
C LEU A 128 -17.60 -7.25 3.37
N SER A 129 -17.08 -6.11 3.77
CA SER A 129 -15.78 -5.67 3.27
C SER A 129 -15.15 -4.57 4.11
N VAL A 130 -13.98 -4.12 3.68
CA VAL A 130 -13.25 -3.08 4.39
C VAL A 130 -12.86 -2.02 3.36
N GLN A 131 -12.99 -0.76 3.74
CA GLN A 131 -12.53 0.34 2.89
C GLN A 131 -11.03 0.25 2.76
N TYR A 132 -10.51 0.42 1.55
CA TYR A 132 -9.04 0.41 1.36
C TYR A 132 -8.65 1.22 0.10
N ARG A 133 -7.45 1.79 0.18
CA ARG A 133 -6.70 2.21 -1.03
C ARG A 133 -5.36 1.52 -0.90
N SER A 134 -4.84 0.98 -2.00
CA SER A 134 -3.63 0.19 -1.94
C SER A 134 -2.81 0.33 -3.22
N VAL A 135 -1.51 0.57 -3.08
CA VAL A 135 -0.58 0.61 -4.22
C VAL A 135 0.40 -0.54 -4.05
N MET A 136 0.64 -1.33 -5.10
CA MET A 136 1.75 -2.27 -5.23
C MET A 136 2.78 -1.63 -6.20
N VAL A 137 4.04 -1.65 -5.78
CA VAL A 137 5.14 -1.19 -6.60
C VAL A 137 6.09 -2.36 -6.84
N PHE A 138 6.50 -2.54 -8.08
CA PHE A 138 7.44 -3.57 -8.45
C PHE A 138 8.75 -2.93 -8.96
N GLY A 139 9.87 -3.38 -8.40
CA GLY A 139 11.14 -2.81 -8.78
C GLY A 139 12.34 -3.60 -8.35
N THR A 140 13.47 -2.93 -8.36
CA THR A 140 14.72 -3.48 -7.95
C THR A 140 15.28 -2.60 -6.86
N ALA A 141 15.59 -3.24 -5.73
CA ALA A 141 16.19 -2.57 -4.58
C ALA A 141 17.70 -2.84 -4.55
N ARG A 142 18.46 -1.77 -4.29
CA ARG A 142 19.90 -1.85 -4.11
C ARG A 142 20.30 -1.11 -2.83
N VAL A 143 21.39 -1.58 -2.22
CA VAL A 143 21.92 -0.98 -1.00
C VAL A 143 22.72 0.27 -1.40
N LEU A 144 22.58 1.35 -0.63
CA LEU A 144 23.24 2.61 -0.95
C LEU A 144 24.46 2.72 -0.05
N ALA A 145 25.41 3.53 -0.47
CA ALA A 145 26.58 3.74 0.32
C ALA A 145 26.91 5.22 0.38
N GLY A 146 27.65 5.58 1.44
CA GLY A 146 28.24 6.91 1.57
C GLY A 146 27.24 8.03 1.52
N GLU A 147 27.56 9.06 0.72
CA GLU A 147 26.71 10.22 0.62
C GLU A 147 25.34 9.89 0.01
N ASP A 148 25.26 8.85 -0.82
CA ASP A 148 23.97 8.39 -1.34
C ASP A 148 23.06 7.91 -0.20
N ALA A 149 23.62 7.11 0.70
CA ALA A 149 22.91 6.59 1.86
C ALA A 149 22.57 7.72 2.84
N ARG A 150 23.52 8.60 3.12
CA ARG A 150 23.22 9.75 4.01
C ARG A 150 22.07 10.62 3.49
N ALA A 151 22.08 10.92 2.19
CA ALA A 151 21.05 11.75 1.60
C ALA A 151 19.69 11.05 1.63
N ALA A 152 19.69 9.77 1.35
CA ALA A 152 18.45 8.99 1.38
C ALA A 152 17.86 8.92 2.79
N LEU A 153 18.70 8.60 3.79
CA LEU A 153 18.27 8.59 5.20
C LEU A 153 17.79 9.96 5.65
N THR A 154 18.41 11.00 5.12
CA THR A 154 18.00 12.36 5.45
C THR A 154 16.59 12.67 4.89
N THR A 155 16.40 12.40 3.59
CA THR A 155 15.10 12.57 2.97
C THR A 155 14.03 11.76 3.70
N LEU A 156 14.35 10.50 4.03
CA LEU A 156 13.44 9.63 4.81
C LEU A 156 13.03 10.22 6.14
N SER A 157 14.04 10.53 6.98
CA SER A 157 13.85 11.15 8.29
C SER A 157 13.03 12.43 8.29
N GLU A 158 13.35 13.33 7.35
CA GLU A 158 12.70 14.60 7.26
C GLU A 158 11.29 14.44 6.68
N ARG A 159 11.05 13.34 5.95
CA ARG A 159 9.72 13.07 5.41
C ARG A 159 8.80 12.56 6.51
N VAL A 160 9.25 11.56 7.26
CA VAL A 160 8.37 10.87 8.22
C VAL A 160 8.26 11.62 9.58
N PHE A 161 9.16 12.55 9.82
CA PHE A 161 9.12 13.47 10.98
C PHE A 161 9.07 14.90 10.47
N PRO A 162 7.88 15.37 10.07
CA PRO A 162 7.78 16.70 9.48
C PRO A 162 8.25 17.75 10.48
N GLY A 163 9.12 18.63 9.99
CA GLY A 163 9.67 19.67 10.82
C GLY A 163 11.05 19.32 11.33
N LEU A 164 11.41 18.04 11.33
CA LEU A 164 12.75 17.65 11.83
C LEU A 164 13.74 17.94 10.74
N LYS A 165 14.91 18.43 11.12
CA LYS A 165 16.00 18.72 10.20
C LYS A 165 17.27 18.10 10.69
N VAL A 166 17.77 17.12 9.96
CA VAL A 166 19.04 16.47 10.28
C VAL A 166 20.15 17.52 10.26
N GLY A 167 20.97 17.55 11.31
CA GLY A 167 22.01 18.55 11.46
C GLY A 167 21.61 19.73 12.31
N GLU A 168 20.32 19.88 12.58
CA GLU A 168 19.83 20.90 13.50
C GLU A 168 19.04 20.25 14.62
N THR A 169 17.88 19.69 14.31
CA THR A 169 17.12 18.92 15.29
C THR A 169 17.95 17.74 15.82
N THR A 170 18.66 17.08 14.91
CA THR A 170 19.51 15.97 15.27
C THR A 170 20.92 16.32 14.94
N ARG A 171 21.83 15.60 15.55
CA ARG A 171 23.23 15.59 15.12
C ARG A 171 23.31 15.09 13.68
N PRO A 172 24.33 15.50 12.95
CA PRO A 172 24.51 14.96 11.62
C PRO A 172 24.70 13.45 11.64
N ILE A 173 24.38 12.82 10.51
CA ILE A 173 24.57 11.36 10.30
C ILE A 173 26.04 11.10 10.08
N SER A 174 26.63 10.29 10.96
CA SER A 174 28.06 10.02 10.95
C SER A 174 28.40 8.80 10.11
N GLU A 175 29.69 8.63 9.81
CA GLU A 175 30.18 7.42 9.14
C GLU A 175 29.89 6.15 9.94
N ASP A 176 29.98 6.24 11.26
CA ASP A 176 29.59 5.10 12.13
C ASP A 176 28.09 4.75 11.93
N ASP A 177 27.26 5.78 11.86
CA ASP A 177 25.84 5.58 11.65
C ASP A 177 25.65 4.79 10.40
N LEU A 178 26.37 5.19 9.34
CA LEU A 178 26.13 4.57 8.04
C LEU A 178 26.59 3.11 8.05
N LYS A 179 27.67 2.83 8.77
CA LYS A 179 28.23 1.48 8.83
C LYS A 179 27.31 0.51 9.57
N ARG A 180 26.44 1.04 10.40
CA ARG A 180 25.51 0.24 11.17
C ARG A 180 24.14 0.09 10.52
N THR A 181 23.93 0.71 9.36
CA THR A 181 22.60 0.76 8.73
C THR A 181 22.60 0.30 7.30
N SER A 182 21.59 -0.46 6.91
CA SER A 182 21.45 -0.88 5.55
C SER A 182 20.34 0.01 4.95
N VAL A 183 20.73 0.85 4.00
CA VAL A 183 19.82 1.81 3.40
C VAL A 183 19.62 1.44 1.96
N TYR A 184 18.35 1.37 1.53
CA TYR A 184 18.01 0.89 0.21
C TYR A 184 17.32 1.90 -0.64
N SER A 185 17.56 1.79 -1.94
CA SER A 185 16.78 2.45 -2.98
C SER A 185 16.06 1.38 -3.77
N LEU A 186 14.72 1.45 -3.80
CA LEU A 186 13.90 0.60 -4.64
C LEU A 186 13.50 1.43 -5.85
N SER A 187 14.14 1.08 -6.97
CA SER A 187 13.94 1.77 -8.23
C SER A 187 12.70 1.19 -8.92
N ILE A 188 11.71 2.02 -9.21
CA ILE A 188 10.40 1.56 -9.62
C ILE A 188 10.40 1.12 -11.09
N ASP A 189 9.89 -0.08 -11.37
CA ASP A 189 9.63 -0.53 -12.76
C ASP A 189 8.18 -0.31 -13.17
N ARG A 190 7.25 -0.80 -12.33
CA ARG A 190 5.82 -0.66 -12.55
C ARG A 190 5.13 -0.54 -11.20
N TRP A 191 3.90 -0.06 -11.29
CA TRP A 191 3.07 0.05 -10.12
C TRP A 191 1.60 -0.13 -10.50
N SER A 192 0.77 -0.32 -9.47
CA SER A 192 -0.64 -0.67 -9.58
C SER A 192 -1.33 0.06 -8.41
N GLY A 193 -2.48 0.66 -8.66
CA GLY A 193 -3.28 1.31 -7.62
C GLY A 193 -4.73 0.83 -7.68
N LYS A 194 -5.38 0.78 -6.51
CA LYS A 194 -6.66 0.12 -6.33
C LYS A 194 -7.36 0.84 -5.17
N GLU A 195 -8.63 1.20 -5.37
CA GLU A 195 -9.41 1.83 -4.30
C GLU A 195 -10.82 1.24 -4.24
N ASN A 196 -11.23 0.83 -3.05
CA ASN A 196 -12.65 0.58 -2.83
C ASN A 196 -12.95 1.16 -1.46
N TRP A 197 -13.47 2.38 -1.51
CA TRP A 197 -13.74 3.20 -0.37
C TRP A 197 -15.21 3.62 -0.45
N ALA A 198 -16.12 2.66 -0.46
CA ALA A 198 -17.54 2.98 -0.41
C ALA A 198 -17.92 3.43 1.00
N GLU A 199 -18.96 4.26 1.11
CA GLU A 199 -19.47 4.69 2.43
C GLU A 199 -20.29 3.57 3.07
N GLN A 200 -20.82 2.69 2.25
CA GLN A 200 -21.70 1.64 2.77
C GLN A 200 -21.50 0.45 1.87
N ALA A 201 -21.53 -0.74 2.45
CA ALA A 201 -21.49 -1.96 1.64
C ALA A 201 -22.84 -2.07 0.96
N ILE A 202 -22.86 -2.79 -0.16
CA ILE A 202 -24.13 -3.26 -0.76
C ILE A 202 -24.92 -4.13 0.24
N GLN A 203 -26.21 -3.85 0.35
CA GLN A 203 -27.09 -4.56 1.26
C GLN A 203 -28.04 -5.42 0.45
N GLU A 204 -28.60 -6.43 1.09
CA GLU A 204 -29.61 -7.30 0.48
C GLU A 204 -30.98 -6.80 0.90
N GLU A 205 -31.80 -6.37 -0.04
CA GLU A 205 -33.13 -5.84 0.28
C GLU A 205 -34.09 -6.90 0.79
N ASP A 206 -33.89 -8.16 0.36
CA ASP A 206 -34.81 -9.24 0.73
C ASP A 206 -34.41 -10.00 2.02
N TRP A 207 -33.61 -9.40 2.90
CA TRP A 207 -33.37 -9.92 4.24
C TRP A 207 -33.57 -8.73 5.14
N PRO A 208 -34.01 -8.91 6.38
CA PRO A 208 -34.11 -7.80 7.34
C PRO A 208 -32.89 -6.87 7.36
N ALA A 209 -33.16 -5.57 7.31
CA ALA A 209 -32.09 -4.58 7.22
C ALA A 209 -31.24 -4.63 8.48
N LEU A 210 -29.96 -4.31 8.35
CA LEU A 210 -29.13 -4.14 9.57
C LEU A 210 -29.78 -3.11 10.47
N GLY A 211 -29.79 -3.37 11.78
CA GLY A 211 -30.25 -2.34 12.72
C GLY A 211 -29.30 -1.17 12.90
N PRO A 212 -29.73 -0.18 13.70
CA PRO A 212 -28.96 1.06 13.97
C PRO A 212 -27.64 0.82 14.66
N GLU A 213 -27.55 -0.26 15.44
CA GLU A 213 -26.28 -0.72 15.97
C GLU A 213 -25.18 -0.83 14.91
N TRP A 214 -25.54 -1.08 13.65
CA TRP A 214 -24.55 -1.34 12.60
C TRP A 214 -24.21 -0.18 11.70
N LEU A 215 -25.23 0.46 11.13
CA LEU A 215 -24.99 1.56 10.19
C LEU A 215 -25.01 2.93 10.88
N GLY A 216 -25.50 2.98 12.13
CA GLY A 216 -25.34 4.15 12.98
C GLY A 216 -23.92 4.27 13.55
C LAC B . 15.28 5.59 10.63
CA LAC B . 14.10 6.39 10.04
CB LAC B . 12.69 6.01 10.51
O LAC B . 15.07 4.22 10.64
OHN LAC B . 14.38 7.74 9.66
OXT LAC B . 16.55 6.12 11.15
C ACT C . 15.02 -5.44 1.45
O ACT C . 15.10 -4.72 0.40
OXT ACT C . 15.81 -6.40 1.68
CH3 ACT C . 13.95 -5.16 2.48
#